data_9OHL
#
_entry.id   9OHL
#
_cell.length_a   56.684
_cell.length_b   70.640
_cell.length_c   84.553
_cell.angle_alpha   90.000
_cell.angle_beta   90.000
_cell.angle_gamma   90.000
#
_symmetry.space_group_name_H-M   'P 21 21 21'
#
loop_
_entity.id
_entity.type
_entity.pdbx_description
1 polymer 'rRNA N(6)-adenosine-methyltransferase METTL5'
2 polymer 'Multifunctional methyltransferase subunit TRM112-like protein'
3 non-polymer S-ADENOSYLMETHIONINE
4 non-polymer N-(4-{[(3aS,4R,6S,6aR)-6-(3-chlorophenyl)-2-propanoyloctahydrocyclopenta[c]pyrrol-4-yl]oxy}phenyl)acetamide
5 non-polymer GLYCEROL
6 water water
#
loop_
_entity_poly.entity_id
_entity_poly.type
_entity_poly.pdbx_seq_one_letter_code
_entity_poly.pdbx_strand_id
1 'polypeptide(L)'
;MKKVRLKELESRLQQVDGFEKPKLLLEQYPTRPHIAACMLYTIHNTYDDIENKVVADLGCGCGVLSIGTAMLGAGLCVGF
DIDEDALEIFNRNAEEFELTNIDMVQCDVCLLSNRMSKSFDTVIMNPPFGTKNNKGTDMAFLKTALEMARTAVYSLHKSS
TREHVQKKAAEWKIKIDIIAELRYDLPASYKFHKKKSVDIEVDLIRFSF
;
C
2 'polypeptide(L)'
;MKLLTHNLLSSHVRGVGSRGFPLRLQATEVRICPVEFNPNFVARMIPKVEWSAFLEAADNLRLIQVPKGPVEGYEENEEF
LRTMHHLLLEVEVIEGTLQCPESGRMFPISRGIPNMLLSEEETES
;
D
#
# COMPACT_ATOMS: atom_id res chain seq x y z
N LYS A 3 15.62 -12.83 -11.18
CA LYS A 3 16.06 -11.44 -11.54
C LYS A 3 15.24 -10.92 -12.72
N VAL A 4 14.49 -9.83 -12.49
CA VAL A 4 13.69 -9.20 -13.53
C VAL A 4 14.44 -7.99 -14.05
N ARG A 5 14.82 -8.02 -15.33
CA ARG A 5 15.50 -6.91 -15.97
C ARG A 5 14.52 -5.76 -16.26
N LEU A 6 15.06 -4.57 -16.48
CA LEU A 6 14.27 -3.36 -16.60
C LEU A 6 13.26 -3.46 -17.76
N LYS A 7 13.69 -3.96 -18.92
CA LYS A 7 12.82 -4.02 -20.09
C LYS A 7 11.72 -5.04 -19.86
N GLU A 8 12.05 -6.16 -19.22
CA GLU A 8 11.08 -7.18 -18.89
C GLU A 8 10.03 -6.59 -17.94
N LEU A 9 10.47 -5.88 -16.92
CA LEU A 9 9.52 -5.28 -15.97
C LEU A 9 8.56 -4.32 -16.66
N GLU A 10 9.11 -3.44 -17.49
CA GLU A 10 8.31 -2.49 -18.26
C GLU A 10 7.33 -3.23 -19.17
N SER A 11 7.76 -4.31 -19.83
CA SER A 11 6.88 -5.08 -20.71
C SER A 11 5.70 -5.61 -19.92
N ARG A 12 5.95 -6.13 -18.72
CA ARG A 12 4.90 -6.69 -17.92
C ARG A 12 3.92 -5.60 -17.51
N LEU A 13 4.46 -4.44 -17.13
CA LEU A 13 3.62 -3.35 -16.68
C LEU A 13 2.77 -2.75 -17.78
N GLN A 14 3.18 -2.92 -19.07
CA GLN A 14 2.33 -2.56 -20.21
C GLN A 14 1.09 -3.43 -20.28
N GLN A 15 1.06 -4.57 -19.58
N GLN A 15 1.05 -4.55 -19.55
CA GLN A 15 -0.08 -5.49 -19.63
CA GLN A 15 -0.07 -5.46 -19.63
C GLN A 15 -1.10 -5.22 -18.52
C GLN A 15 -1.01 -5.30 -18.43
N VAL A 16 -0.82 -4.22 -17.66
CA VAL A 16 -1.76 -3.85 -16.62
C VAL A 16 -2.86 -3.01 -17.27
N ASP A 17 -4.11 -3.40 -17.15
CA ASP A 17 -5.23 -2.67 -17.71
C ASP A 17 -5.54 -1.44 -16.88
N GLY A 18 -5.96 -0.39 -17.59
CA GLY A 18 -6.25 0.88 -16.95
C GLY A 18 -7.69 1.08 -16.50
N PHE A 19 -8.02 2.34 -16.23
CA PHE A 19 -9.32 2.70 -15.72
C PHE A 19 -10.40 2.57 -16.82
N GLU A 20 -11.54 2.01 -16.46
CA GLU A 20 -12.66 1.89 -17.38
C GLU A 20 -13.35 3.23 -17.64
N LYS A 21 -13.64 4.00 -16.62
CA LYS A 21 -14.13 5.35 -16.85
C LYS A 21 -13.43 6.25 -15.82
N PRO A 22 -12.28 6.77 -16.24
CA PRO A 22 -11.43 7.50 -15.30
C PRO A 22 -12.15 8.74 -14.81
N LYS A 23 -12.08 8.98 -13.50
CA LYS A 23 -12.70 10.10 -12.83
C LYS A 23 -11.72 11.25 -12.77
N LEU A 24 -12.01 12.27 -13.58
CA LEU A 24 -11.21 13.46 -13.72
C LEU A 24 -10.92 14.13 -12.38
N LEU A 25 -11.93 14.25 -11.53
CA LEU A 25 -11.76 14.96 -10.26
C LEU A 25 -10.74 14.29 -9.34
N LEU A 26 -10.54 12.99 -9.51
CA LEU A 26 -9.61 12.21 -8.71
C LEU A 26 -8.27 12.04 -9.41
N GLU A 27 -8.07 12.68 -10.58
CA GLU A 27 -6.82 12.61 -11.33
C GLU A 27 -6.45 11.14 -11.61
N GLN A 28 -7.40 10.43 -12.18
CA GLN A 28 -7.23 9.02 -12.49
C GLN A 28 -6.54 8.85 -13.84
N TYR A 29 -5.28 8.42 -13.82
CA TYR A 29 -4.56 7.90 -14.98
C TYR A 29 -3.59 6.85 -14.45
N PRO A 30 -3.30 5.78 -15.19
CA PRO A 30 -2.34 4.79 -14.71
C PRO A 30 -0.95 5.36 -14.67
N THR A 31 -0.14 4.93 -13.72
CA THR A 31 1.26 5.30 -13.76
C THR A 31 1.84 4.75 -15.06
N ARG A 32 2.56 5.56 -15.83
CA ARG A 32 2.96 5.16 -17.17
C ARG A 32 4.03 4.07 -17.07
N PRO A 33 4.01 3.06 -17.96
CA PRO A 33 4.87 1.89 -17.77
C PRO A 33 6.36 2.21 -17.65
N HIS A 34 6.87 3.16 -18.43
CA HIS A 34 8.28 3.46 -18.35
C HIS A 34 8.62 4.15 -17.02
N ILE A 35 7.72 5.02 -16.54
CA ILE A 35 7.85 5.67 -15.24
C ILE A 35 7.88 4.64 -14.11
N ALA A 36 6.90 3.76 -14.12
CA ALA A 36 6.80 2.76 -13.07
C ALA A 36 7.99 1.81 -13.07
N ALA A 37 8.37 1.34 -14.25
CA ALA A 37 9.51 0.42 -14.35
C ALA A 37 10.78 1.06 -13.83
N CYS A 38 11.11 2.28 -14.27
CA CYS A 38 12.36 2.84 -13.80
C CYS A 38 12.33 3.11 -12.30
N MET A 39 11.22 3.60 -11.80
CA MET A 39 11.02 3.90 -10.39
C MET A 39 11.18 2.62 -9.54
N LEU A 40 10.42 1.58 -9.85
CA LEU A 40 10.48 0.34 -9.06
C LEU A 40 11.83 -0.36 -9.21
N TYR A 41 12.40 -0.38 -10.44
CA TYR A 41 13.70 -1.01 -10.59
C TYR A 41 14.73 -0.34 -9.70
N THR A 42 14.69 1.00 -9.59
CA THR A 42 15.61 1.70 -8.71
C THR A 42 15.35 1.36 -7.24
N ILE A 43 14.08 1.42 -6.81
CA ILE A 43 13.75 1.12 -5.44
C ILE A 43 14.32 -0.23 -5.06
N HIS A 44 14.13 -1.22 -5.91
CA HIS A 44 14.63 -2.56 -5.63
C HIS A 44 16.16 -2.69 -5.72
N ASN A 45 16.74 -2.27 -6.86
CA ASN A 45 18.13 -2.64 -7.13
C ASN A 45 19.08 -1.65 -6.50
N THR A 46 18.74 -0.39 -6.40
CA THR A 46 19.61 0.59 -5.74
C THR A 46 19.43 0.55 -4.23
N TYR A 47 18.18 0.61 -3.75
CA TYR A 47 17.93 0.81 -2.34
C TYR A 47 17.51 -0.43 -1.54
N ASP A 48 17.12 -1.50 -2.24
CA ASP A 48 16.65 -2.72 -1.60
C ASP A 48 15.46 -2.45 -0.69
N ASP A 49 14.47 -1.68 -1.15
CA ASP A 49 13.35 -1.25 -0.32
C ASP A 49 12.07 -1.96 -0.70
N ILE A 50 12.12 -3.10 -1.42
CA ILE A 50 10.94 -3.87 -1.80
C ILE A 50 11.00 -5.35 -1.35
N GLU A 51 12.11 -6.07 -1.64
CA GLU A 51 12.14 -7.50 -1.43
C GLU A 51 12.01 -7.80 0.06
N ASN A 52 11.10 -8.70 0.40
CA ASN A 52 10.86 -9.15 1.75
C ASN A 52 10.31 -8.02 2.62
N LYS A 53 9.75 -6.98 1.99
CA LYS A 53 9.18 -5.87 2.76
C LYS A 53 7.66 -5.88 2.66
N VAL A 54 7.01 -5.13 3.57
CA VAL A 54 5.62 -4.77 3.46
C VAL A 54 5.56 -3.32 3.00
N VAL A 55 4.84 -3.15 1.90
CA VAL A 55 4.86 -1.92 1.12
C VAL A 55 3.42 -1.42 1.04
N ALA A 56 3.24 -0.10 1.09
CA ALA A 56 1.95 0.55 0.82
C ALA A 56 2.07 1.36 -0.46
N ASP A 57 1.04 1.29 -1.29
CA ASP A 57 0.94 2.10 -2.51
C ASP A 57 -0.28 3.01 -2.32
N LEU A 58 -0.03 4.31 -2.09
CA LEU A 58 -1.10 5.29 -1.84
C LEU A 58 -1.59 5.87 -3.16
N GLY A 59 -2.93 5.89 -3.32
CA GLY A 59 -3.55 6.19 -4.60
C GLY A 59 -3.21 5.14 -5.64
N CYS A 60 -3.40 3.89 -5.30
CA CYS A 60 -2.92 2.77 -6.10
C CYS A 60 -3.64 2.63 -7.44
N GLY A 61 -4.82 3.19 -7.62
CA GLY A 61 -5.48 3.14 -8.90
C GLY A 61 -5.75 1.73 -9.39
N CYS A 62 -5.43 1.58 -10.65
CA CYS A 62 -5.57 0.30 -11.31
C CYS A 62 -4.44 -0.67 -10.99
N GLY A 63 -3.42 -0.19 -10.28
CA GLY A 63 -2.43 -1.04 -9.64
C GLY A 63 -1.06 -1.15 -10.25
N VAL A 64 -0.70 -0.31 -11.21
CA VAL A 64 0.58 -0.50 -11.88
C VAL A 64 1.74 -0.62 -10.89
N LEU A 65 1.86 0.31 -9.94
CA LEU A 65 3.01 0.32 -9.03
C LEU A 65 2.96 -0.89 -8.10
N SER A 66 1.77 -1.28 -7.67
CA SER A 66 1.64 -2.41 -6.76
C SER A 66 1.96 -3.72 -7.47
N ILE A 67 1.44 -3.89 -8.69
CA ILE A 67 1.71 -5.06 -9.49
C ILE A 67 3.22 -5.24 -9.66
N GLY A 68 3.91 -4.15 -10.04
CA GLY A 68 5.34 -4.27 -10.17
C GLY A 68 6.05 -4.60 -8.84
N THR A 69 5.63 -3.96 -7.76
CA THR A 69 6.22 -4.22 -6.46
C THR A 69 6.08 -5.68 -6.08
N ALA A 70 4.90 -6.25 -6.30
CA ALA A 70 4.61 -7.64 -5.96
C ALA A 70 5.48 -8.60 -6.80
N MET A 71 5.86 -8.23 -8.02
CA MET A 71 6.72 -9.09 -8.84
C MET A 71 8.18 -8.98 -8.47
N LEU A 72 8.56 -8.01 -7.67
CA LEU A 72 9.95 -7.79 -7.26
C LEU A 72 10.20 -8.34 -5.86
N GLY A 73 9.33 -9.19 -5.34
CA GLY A 73 9.66 -9.92 -4.15
C GLY A 73 9.07 -9.36 -2.86
N ALA A 74 8.17 -8.36 -2.91
CA ALA A 74 7.56 -7.85 -1.69
C ALA A 74 6.93 -9.02 -0.93
N GLY A 75 6.96 -8.99 0.40
CA GLY A 75 6.18 -9.93 1.19
C GLY A 75 4.71 -9.66 1.07
N LEU A 76 4.33 -8.36 1.04
CA LEU A 76 2.94 -7.95 0.86
C LEU A 76 2.94 -6.50 0.39
N CYS A 77 2.20 -6.21 -0.69
CA CYS A 77 1.94 -4.85 -1.06
C CYS A 77 0.46 -4.55 -0.87
N VAL A 78 0.15 -3.51 -0.11
CA VAL A 78 -1.22 -3.08 0.12
C VAL A 78 -1.45 -1.77 -0.62
N GLY A 79 -2.42 -1.79 -1.54
CA GLY A 79 -2.81 -0.57 -2.25
C GLY A 79 -3.98 0.11 -1.56
N PHE A 80 -3.99 1.42 -1.54
CA PHE A 80 -5.04 2.21 -0.93
C PHE A 80 -5.56 3.19 -1.99
N ASP A 81 -6.89 3.28 -2.16
CA ASP A 81 -7.45 4.25 -3.12
C ASP A 81 -8.85 4.61 -2.62
N ILE A 82 -9.32 5.82 -2.90
CA ILE A 82 -10.64 6.26 -2.51
C ILE A 82 -11.74 5.67 -3.38
N ASP A 83 -11.43 5.19 -4.60
CA ASP A 83 -12.43 4.81 -5.58
C ASP A 83 -12.55 3.31 -5.75
N GLU A 84 -13.76 2.82 -5.47
CA GLU A 84 -14.07 1.41 -5.58
C GLU A 84 -13.93 0.91 -7.03
N ASP A 85 -14.21 1.74 -8.00
CA ASP A 85 -14.14 1.27 -9.38
C ASP A 85 -12.68 1.00 -9.78
N ALA A 86 -11.75 1.80 -9.28
CA ALA A 86 -10.33 1.60 -9.54
C ALA A 86 -9.86 0.30 -8.91
N LEU A 87 -10.29 0.09 -7.67
CA LEU A 87 -9.91 -1.10 -6.94
C LEU A 87 -10.44 -2.41 -7.53
N GLU A 88 -11.64 -2.34 -8.15
CA GLU A 88 -12.16 -3.51 -8.85
C GLU A 88 -11.25 -3.91 -10.00
N ILE A 89 -10.79 -2.91 -10.75
CA ILE A 89 -9.84 -3.15 -11.84
C ILE A 89 -8.50 -3.68 -11.33
N PHE A 90 -8.03 -3.10 -10.25
CA PHE A 90 -6.78 -3.56 -9.66
C PHE A 90 -6.89 -5.02 -9.25
N ASN A 91 -7.98 -5.36 -8.56
CA ASN A 91 -8.18 -6.77 -8.21
C ASN A 91 -8.16 -7.69 -9.42
N ARG A 92 -8.79 -7.25 -10.51
CA ARG A 92 -8.80 -8.05 -11.74
C ARG A 92 -7.38 -8.22 -12.28
N ASN A 93 -6.63 -7.11 -12.31
CA ASN A 93 -5.27 -7.15 -12.76
C ASN A 93 -4.39 -8.11 -11.92
N ALA A 94 -4.50 -8.03 -10.59
CA ALA A 94 -3.73 -8.91 -9.71
C ALA A 94 -4.07 -10.38 -10.01
N GLU A 95 -5.36 -10.66 -10.19
CA GLU A 95 -5.79 -12.04 -10.46
C GLU A 95 -5.25 -12.48 -11.81
N GLU A 96 -5.22 -11.61 -12.84
CA GLU A 96 -4.71 -11.99 -14.15
C GLU A 96 -3.22 -12.34 -14.10
N PHE A 97 -2.44 -11.61 -13.31
CA PHE A 97 -1.02 -11.78 -13.14
C PHE A 97 -0.70 -12.91 -12.13
N GLU A 98 -1.73 -13.42 -11.49
CA GLU A 98 -1.59 -14.51 -10.53
C GLU A 98 -0.76 -14.07 -9.32
N LEU A 99 -0.92 -12.80 -8.91
CA LEU A 99 -0.17 -12.21 -7.81
C LEU A 99 -1.01 -12.21 -6.55
N THR A 100 -0.61 -13.02 -5.55
CA THR A 100 -1.41 -13.15 -4.34
C THR A 100 -0.75 -12.51 -3.13
N ASN A 101 0.40 -11.88 -3.30
CA ASN A 101 1.04 -11.09 -2.25
C ASN A 101 0.60 -9.63 -2.36
N ILE A 102 -0.68 -9.41 -2.62
CA ILE A 102 -1.32 -8.11 -2.75
C ILE A 102 -2.56 -8.06 -1.92
N ASP A 103 -2.85 -6.91 -1.27
CA ASP A 103 -4.19 -6.62 -0.76
C ASP A 103 -4.52 -5.18 -1.11
N MET A 104 -5.80 -4.81 -0.93
CA MET A 104 -6.18 -3.43 -1.19
C MET A 104 -7.32 -2.99 -0.28
N VAL A 105 -7.35 -1.66 -0.10
CA VAL A 105 -8.21 -1.00 0.88
C VAL A 105 -8.77 0.28 0.31
N GLN A 106 -10.08 0.48 0.48
CA GLN A 106 -10.75 1.71 0.06
C GLN A 106 -10.76 2.70 1.21
N CYS A 107 -10.21 3.89 0.97
CA CYS A 107 -10.05 4.88 2.03
C CYS A 107 -9.65 6.20 1.40
N ASP A 108 -9.69 7.23 2.24
CA ASP A 108 -9.25 8.58 1.88
C ASP A 108 -7.89 8.81 2.53
N VAL A 109 -6.82 8.78 1.73
CA VAL A 109 -5.45 8.88 2.23
C VAL A 109 -5.25 10.19 2.99
N CYS A 110 -6.02 11.24 2.68
CA CYS A 110 -5.85 12.53 3.35
C CYS A 110 -6.50 12.54 4.72
N LEU A 111 -7.14 11.46 5.17
CA LEU A 111 -7.81 11.40 6.46
C LEU A 111 -7.30 10.21 7.29
N LEU A 112 -6.05 9.84 7.07
CA LEU A 112 -5.43 8.72 7.80
C LEU A 112 -4.62 9.14 9.02
N SER A 113 -4.83 10.33 9.60
CA SER A 113 -4.11 10.68 10.82
C SER A 113 -4.13 9.58 11.87
N ASN A 114 -2.95 9.17 12.35
CA ASN A 114 -2.76 8.21 13.43
C ASN A 114 -3.22 6.79 13.07
N ARG A 115 -3.38 6.52 11.77
CA ARG A 115 -3.76 5.20 11.31
C ARG A 115 -2.53 4.55 10.68
N MET A 116 -2.31 3.28 11.03
CA MET A 116 -1.23 2.48 10.51
C MET A 116 0.09 3.22 10.69
N SER A 117 0.30 3.84 11.86
CA SER A 117 1.53 4.53 12.14
C SER A 117 2.72 3.60 12.16
N LYS A 118 3.70 3.87 11.30
CA LYS A 118 4.92 3.09 11.25
C LYS A 118 4.61 1.62 11.08
N SER A 119 3.59 1.31 10.25
CA SER A 119 3.18 -0.07 9.98
C SER A 119 3.82 -0.63 8.72
N PHE A 120 4.39 0.20 7.86
CA PHE A 120 4.93 -0.24 6.57
C PHE A 120 6.43 0.02 6.50
N ASP A 121 7.20 -0.84 5.83
CA ASP A 121 8.60 -0.54 5.55
C ASP A 121 8.77 0.66 4.61
N THR A 122 8.01 0.58 3.53
CA THR A 122 8.18 1.44 2.36
C THR A 122 6.80 1.92 1.95
N VAL A 123 6.70 3.19 1.51
CA VAL A 123 5.48 3.69 0.87
C VAL A 123 5.90 4.22 -0.50
N ILE A 124 5.09 3.90 -1.53
CA ILE A 124 5.33 4.35 -2.88
C ILE A 124 4.02 4.98 -3.37
N MET A 125 4.11 5.98 -4.28
CA MET A 125 2.91 6.64 -4.75
C MET A 125 3.20 7.51 -5.98
N ASN A 126 2.14 7.67 -6.76
CA ASN A 126 2.05 8.65 -7.85
C ASN A 126 0.82 9.49 -7.54
N PRO A 127 0.91 10.47 -6.60
CA PRO A 127 -0.28 11.12 -6.10
C PRO A 127 -0.91 12.13 -7.05
N PRO A 128 -2.18 12.47 -6.80
CA PRO A 128 -2.82 13.65 -7.41
C PRO A 128 -2.14 14.94 -6.96
N PHE A 129 -2.31 16.00 -7.80
CA PHE A 129 -1.72 17.32 -7.56
C PHE A 129 -2.70 18.44 -7.24
N GLY A 130 -3.98 18.19 -7.37
CA GLY A 130 -5.00 19.23 -7.19
C GLY A 130 -4.89 19.90 -5.81
N THR A 131 -5.28 21.17 -5.72
CA THR A 131 -5.33 21.89 -4.47
C THR A 131 -6.37 21.25 -3.54
N LYS A 132 -5.99 20.94 -2.31
CA LYS A 132 -6.90 20.42 -1.29
C LYS A 132 -6.59 21.18 -0.01
N ASN A 133 -7.57 21.94 0.45
CA ASN A 133 -7.35 22.84 1.60
C ASN A 133 -6.04 23.64 1.54
N ASN A 134 -5.85 24.45 0.54
CA ASN A 134 -4.71 25.35 0.44
C ASN A 134 -3.37 24.71 0.05
N LYS A 135 -3.25 23.38 -0.06
CA LYS A 135 -1.97 22.80 -0.44
C LYS A 135 -2.23 21.72 -1.49
N GLY A 136 -1.16 21.28 -2.16
CA GLY A 136 -1.27 20.19 -3.12
C GLY A 136 -1.72 18.91 -2.43
N THR A 137 -2.64 18.17 -3.11
CA THR A 137 -3.04 16.88 -2.58
C THR A 137 -1.80 16.02 -2.36
N ASP A 138 -0.80 16.13 -3.20
CA ASP A 138 0.44 15.36 -3.10
C ASP A 138 1.14 15.61 -1.75
N MET A 139 1.03 16.82 -1.20
CA MET A 139 1.62 17.13 0.10
C MET A 139 0.83 16.49 1.25
N ALA A 140 -0.51 16.38 1.12
CA ALA A 140 -1.29 15.64 2.09
C ALA A 140 -0.88 14.18 2.03
N PHE A 141 -0.78 13.63 0.82
CA PHE A 141 -0.36 12.23 0.66
C PHE A 141 1.02 12.02 1.30
N LEU A 142 1.91 12.99 1.17
CA LEU A 142 3.25 12.88 1.71
C LEU A 142 3.24 12.83 3.24
N LYS A 143 2.41 13.66 3.83
CA LYS A 143 2.33 13.69 5.26
C LYS A 143 1.90 12.31 5.74
N THR A 144 0.86 11.76 5.10
CA THR A 144 0.38 10.44 5.49
C THR A 144 1.49 9.40 5.27
N ALA A 145 2.13 9.45 4.11
CA ALA A 145 3.14 8.44 3.77
C ALA A 145 4.26 8.42 4.81
N LEU A 146 4.71 9.57 5.24
CA LEU A 146 5.82 9.64 6.19
C LEU A 146 5.38 9.09 7.55
N GLU A 147 4.12 9.26 7.90
CA GLU A 147 3.63 8.71 9.17
C GLU A 147 3.55 7.18 9.13
N MET A 148 3.25 6.63 7.94
CA MET A 148 3.03 5.20 7.74
C MET A 148 4.34 4.45 7.57
N ALA A 149 5.35 5.10 6.99
CA ALA A 149 6.56 4.40 6.60
C ALA A 149 7.64 4.44 7.67
N ARG A 150 8.27 3.30 7.85
CA ARG A 150 9.40 3.18 8.77
C ARG A 150 10.72 3.62 8.14
N THR A 151 10.94 3.25 6.88
CA THR A 151 12.26 3.33 6.26
C THR A 151 12.29 4.37 5.15
N ALA A 152 11.35 4.29 4.20
CA ALA A 152 11.46 5.17 3.03
C ALA A 152 10.10 5.41 2.38
N VAL A 153 9.96 6.59 1.78
CA VAL A 153 8.85 6.99 0.91
C VAL A 153 9.42 7.37 -0.43
N TYR A 154 8.83 6.82 -1.49
CA TYR A 154 9.17 7.20 -2.88
C TYR A 154 7.93 7.80 -3.52
N SER A 155 8.07 8.99 -4.13
CA SER A 155 6.93 9.71 -4.66
C SER A 155 7.33 10.62 -5.82
N LEU A 156 6.33 10.93 -6.61
CA LEU A 156 6.48 11.80 -7.78
C LEU A 156 5.80 13.12 -7.46
N HIS A 157 6.56 14.23 -7.54
CA HIS A 157 6.06 15.57 -7.29
C HIS A 157 6.41 16.44 -8.50
N LYS A 158 5.58 17.45 -8.75
CA LYS A 158 5.91 18.35 -9.86
C LYS A 158 7.30 18.96 -9.62
N SER A 159 8.14 19.03 -10.65
CA SER A 159 9.46 19.61 -10.52
C SER A 159 9.37 21.11 -10.20
N SER A 160 8.25 21.74 -10.60
CA SER A 160 7.98 23.14 -10.34
C SER A 160 7.74 23.43 -8.87
N THR A 161 7.49 22.40 -8.06
CA THR A 161 7.23 22.57 -6.64
C THR A 161 8.43 22.14 -5.79
N ARG A 162 9.56 21.86 -6.41
CA ARG A 162 10.72 21.26 -5.75
C ARG A 162 11.13 22.03 -4.49
N GLU A 163 11.26 23.34 -4.61
CA GLU A 163 11.73 24.11 -3.48
C GLU A 163 10.78 23.99 -2.31
N HIS A 164 9.46 23.97 -2.59
CA HIS A 164 8.47 23.84 -1.53
C HIS A 164 8.63 22.49 -0.83
N VAL A 165 8.78 21.43 -1.63
CA VAL A 165 8.95 20.10 -1.05
C VAL A 165 10.21 20.08 -0.16
N GLN A 166 11.30 20.66 -0.65
CA GLN A 166 12.56 20.71 0.09
C GLN A 166 12.39 21.45 1.42
N LYS A 167 11.60 22.53 1.39
CA LYS A 167 11.36 23.32 2.60
C LYS A 167 10.55 22.54 3.62
N LYS A 168 9.51 21.84 3.17
CA LYS A 168 8.74 21.04 4.10
C LYS A 168 9.53 19.87 4.69
N ALA A 169 10.39 19.25 3.88
CA ALA A 169 11.22 18.16 4.38
C ALA A 169 12.14 18.68 5.49
N ALA A 170 12.68 19.87 5.30
CA ALA A 170 13.57 20.44 6.31
C ALA A 170 12.81 20.74 7.59
N GLU A 171 11.61 21.33 7.49
CA GLU A 171 10.75 21.61 8.64
C GLU A 171 10.44 20.32 9.40
N TRP A 172 10.21 19.22 8.64
CA TRP A 172 9.83 17.93 9.22
C TRP A 172 11.04 17.09 9.71
N LYS A 173 12.26 17.55 9.47
CA LYS A 173 13.48 16.82 9.75
C LYS A 173 13.50 15.48 9.04
N ILE A 174 13.09 15.50 7.77
CA ILE A 174 13.11 14.36 6.86
C ILE A 174 14.25 14.52 5.87
N LYS A 175 15.01 13.47 5.61
CA LYS A 175 16.02 13.50 4.57
C LYS A 175 15.32 13.39 3.22
N ILE A 176 15.80 14.17 2.26
CA ILE A 176 15.19 14.27 0.95
C ILE A 176 16.27 14.07 -0.10
N ASP A 177 16.05 13.21 -1.08
CA ASP A 177 16.96 13.10 -2.20
C ASP A 177 16.18 13.03 -3.50
N ILE A 178 16.47 13.97 -4.40
CA ILE A 178 15.87 14.01 -5.72
C ILE A 178 16.61 13.01 -6.60
N ILE A 179 16.00 11.87 -6.97
CA ILE A 179 16.78 10.80 -7.59
C ILE A 179 16.61 10.81 -9.12
N ALA A 180 15.56 11.42 -9.69
CA ALA A 180 15.44 11.51 -11.14
C ALA A 180 14.51 12.67 -11.51
N GLU A 181 14.72 13.25 -12.71
CA GLU A 181 13.81 14.19 -13.34
C GLU A 181 13.17 13.49 -14.53
N LEU A 182 11.85 13.40 -14.51
CA LEU A 182 11.10 12.59 -15.45
C LEU A 182 10.03 13.45 -16.06
N ARG A 183 9.52 12.93 -17.20
CA ARG A 183 8.41 13.55 -17.89
C ARG A 183 7.49 12.43 -18.39
N TYR A 184 6.20 12.70 -18.30
CA TYR A 184 5.23 11.80 -18.91
C TYR A 184 3.96 12.55 -19.28
N ASP A 185 3.20 11.96 -20.19
CA ASP A 185 1.99 12.56 -20.73
C ASP A 185 0.83 12.44 -19.76
N LEU A 186 0.13 13.54 -19.59
CA LEU A 186 -1.16 13.55 -18.93
C LEU A 186 -2.22 13.15 -19.94
N PRO A 187 -3.42 12.73 -19.50
CA PRO A 187 -4.50 12.45 -20.44
C PRO A 187 -4.80 13.68 -21.29
N ALA A 188 -5.15 13.46 -22.56
CA ALA A 188 -5.30 14.57 -23.51
C ALA A 188 -6.34 15.58 -23.04
N SER A 189 -7.35 15.04 -22.37
CA SER A 189 -8.45 15.83 -21.86
C SER A 189 -8.01 16.83 -20.78
N TYR A 190 -6.81 16.66 -20.21
CA TYR A 190 -6.31 17.57 -19.19
C TYR A 190 -5.80 18.91 -19.78
N LYS A 191 -5.65 18.97 -21.11
CA LYS A 191 -5.05 20.13 -21.77
C LYS A 191 -6.12 21.17 -22.11
N PHE A 192 -6.52 21.98 -21.13
CA PHE A 192 -7.75 22.76 -21.24
C PHE A 192 -7.50 24.22 -21.64
N HIS A 193 -6.23 24.64 -21.78
CA HIS A 193 -5.89 25.95 -22.34
C HIS A 193 -4.75 25.78 -23.36
N LYS A 194 -4.59 26.77 -24.25
CA LYS A 194 -3.88 26.60 -25.51
C LYS A 194 -2.42 26.17 -25.33
N LYS A 195 -1.70 26.83 -24.40
CA LYS A 195 -0.27 26.57 -24.23
C LYS A 195 0.01 25.66 -23.02
N LYS A 196 -1.03 25.02 -22.46
CA LYS A 196 -0.80 24.02 -21.42
C LYS A 196 -0.03 22.86 -22.04
N SER A 197 1.04 22.41 -21.38
CA SER A 197 1.78 21.28 -21.93
C SER A 197 0.94 20.01 -21.82
N VAL A 198 1.08 19.10 -22.79
CA VAL A 198 0.45 17.79 -22.72
C VAL A 198 1.04 16.92 -21.61
N ASP A 199 2.29 17.20 -21.28
CA ASP A 199 3.05 16.36 -20.36
C ASP A 199 3.32 17.15 -19.09
N ILE A 200 3.89 16.43 -18.13
CA ILE A 200 4.19 17.01 -16.83
C ILE A 200 5.62 16.62 -16.46
N GLU A 201 6.37 17.56 -15.90
CA GLU A 201 7.72 17.35 -15.41
C GLU A 201 7.67 17.08 -13.91
N VAL A 202 8.10 15.89 -13.53
CA VAL A 202 8.07 15.46 -12.14
C VAL A 202 9.47 15.08 -11.68
N ASP A 203 9.65 15.13 -10.37
CA ASP A 203 10.81 14.60 -9.67
C ASP A 203 10.43 13.28 -9.02
N LEU A 204 11.26 12.26 -9.17
CA LEU A 204 11.16 11.08 -8.32
C LEU A 204 11.99 11.41 -7.10
N ILE A 205 11.37 11.32 -5.91
CA ILE A 205 12.02 11.76 -4.69
C ILE A 205 11.99 10.59 -3.70
N ARG A 206 13.12 10.36 -3.04
CA ARG A 206 13.21 9.44 -1.92
C ARG A 206 13.28 10.23 -0.62
N PHE A 207 12.34 9.96 0.28
CA PHE A 207 12.32 10.55 1.61
C PHE A 207 12.70 9.49 2.62
N SER A 208 13.53 9.86 3.60
CA SER A 208 13.95 8.88 4.59
C SER A 208 14.26 9.61 5.90
N PHE A 209 14.66 8.82 6.90
CA PHE A 209 14.61 9.32 8.28
C PHE A 209 16.00 9.43 8.89
N MET B 1 -9.30 -9.53 2.23
CA MET B 1 -8.41 -8.98 3.28
C MET B 1 -7.77 -10.14 4.01
N LYS B 2 -6.44 -10.14 4.04
CA LYS B 2 -5.63 -11.07 4.81
C LYS B 2 -5.54 -10.69 6.28
N LEU B 3 -5.18 -11.62 7.16
CA LEU B 3 -5.05 -11.26 8.57
C LEU B 3 -3.85 -10.37 8.87
N LEU B 4 -2.76 -10.42 8.08
CA LEU B 4 -1.69 -9.45 8.29
C LEU B 4 -2.25 -8.04 8.01
N THR B 5 -3.01 -7.90 6.93
CA THR B 5 -3.60 -6.61 6.54
C THR B 5 -4.53 -6.12 7.67
N HIS B 6 -5.37 -6.99 8.22
CA HIS B 6 -6.23 -6.62 9.36
C HIS B 6 -5.39 -6.11 10.52
N ASN B 7 -4.25 -6.75 10.75
CA ASN B 7 -3.38 -6.39 11.87
C ASN B 7 -2.82 -4.98 11.67
N LEU B 8 -2.36 -4.68 10.46
CA LEU B 8 -1.82 -3.36 10.16
C LEU B 8 -2.91 -2.30 10.26
N LEU B 9 -4.06 -2.55 9.68
CA LEU B 9 -5.19 -1.62 9.71
C LEU B 9 -5.55 -1.27 11.14
N SER B 10 -5.50 -2.26 12.00
CA SER B 10 -5.92 -2.21 13.39
C SER B 10 -4.88 -1.62 14.33
N SER B 11 -3.64 -1.41 13.86
CA SER B 11 -2.50 -1.24 14.75
C SER B 11 -2.40 0.13 15.37
N HIS B 12 -1.72 0.13 16.54
CA HIS B 12 -1.29 1.36 17.19
C HIS B 12 0.06 1.09 17.81
N VAL B 13 0.94 2.11 17.79
CA VAL B 13 2.23 2.00 18.45
C VAL B 13 2.04 2.09 19.98
N ARG B 14 2.45 1.04 20.68
CA ARG B 14 2.30 1.03 22.13
C ARG B 14 3.40 1.85 22.80
N GLY B 15 3.00 2.79 23.65
CA GLY B 15 3.92 3.70 24.29
C GLY B 15 3.38 4.06 25.66
N VAL B 16 3.63 5.30 26.08
CA VAL B 16 3.27 5.76 27.42
C VAL B 16 1.81 6.18 27.53
N GLY B 17 1.16 6.41 26.38
CA GLY B 17 -0.25 6.75 26.35
C GLY B 17 -1.12 5.52 26.45
N SER B 18 -2.43 5.76 26.52
CA SER B 18 -3.39 4.68 26.66
C SER B 18 -3.37 3.77 25.43
N ARG B 19 -3.81 2.54 25.67
CA ARG B 19 -3.95 1.49 24.69
C ARG B 19 -4.95 1.90 23.60
N GLY B 20 -4.61 1.61 22.34
CA GLY B 20 -5.56 1.68 21.24
C GLY B 20 -6.18 0.32 21.05
N PHE B 21 -7.26 0.28 20.28
CA PHE B 21 -8.05 -0.93 20.10
C PHE B 21 -8.13 -1.29 18.62
N PRO B 22 -8.15 -2.60 18.30
CA PRO B 22 -8.23 -3.04 16.92
C PRO B 22 -9.63 -2.94 16.39
N LEU B 23 -9.78 -3.10 15.07
CA LEU B 23 -11.07 -3.27 14.44
C LEU B 23 -11.53 -4.70 14.67
N ARG B 24 -12.76 -4.83 15.14
CA ARG B 24 -13.31 -6.17 15.36
C ARG B 24 -13.78 -6.76 14.04
N LEU B 25 -13.25 -7.95 13.69
CA LEU B 25 -13.55 -8.60 12.43
C LEU B 25 -14.70 -9.60 12.60
N GLN B 26 -15.67 -9.57 11.69
CA GLN B 26 -16.63 -10.62 11.44
C GLN B 26 -16.53 -10.99 9.99
N ALA B 27 -16.75 -12.24 9.66
CA ALA B 27 -16.78 -12.64 8.26
C ALA B 27 -17.98 -13.51 7.96
N THR B 28 -18.53 -13.35 6.77
CA THR B 28 -19.54 -14.22 6.22
C THR B 28 -19.01 -15.10 5.10
N GLU B 29 -17.91 -14.68 4.45
CA GLU B 29 -17.32 -15.46 3.39
C GLU B 29 -15.81 -15.36 3.46
N VAL B 30 -15.12 -16.47 3.46
CA VAL B 30 -13.70 -16.63 3.59
C VAL B 30 -13.25 -17.48 2.41
N ARG B 31 -12.05 -17.27 1.92
CA ARG B 31 -11.46 -18.18 0.94
C ARG B 31 -10.00 -18.40 1.33
N ILE B 32 -9.48 -19.58 0.96
CA ILE B 32 -8.08 -19.91 1.10
C ILE B 32 -7.36 -19.60 -0.21
N CYS B 33 -6.26 -18.87 -0.13
CA CYS B 33 -5.55 -18.40 -1.31
C CYS B 33 -4.06 -18.65 -1.12
N PRO B 34 -3.49 -19.68 -1.76
CA PRO B 34 -2.04 -19.91 -1.63
C PRO B 34 -1.25 -18.68 -2.05
N VAL B 35 -0.22 -18.39 -1.23
CA VAL B 35 0.75 -17.36 -1.45
C VAL B 35 2.10 -18.04 -1.37
N GLU B 36 3.01 -17.65 -2.26
CA GLU B 36 4.33 -18.22 -2.24
C GLU B 36 5.00 -17.93 -0.90
N PHE B 37 5.48 -18.97 -0.22
CA PHE B 37 6.07 -18.83 1.09
C PHE B 37 7.40 -18.11 1.06
N ASN B 38 7.47 -17.02 1.82
CA ASN B 38 8.67 -16.20 1.94
C ASN B 38 9.09 -16.21 3.41
N PRO B 39 9.87 -17.21 3.87
CA PRO B 39 10.16 -17.36 5.30
C PRO B 39 10.93 -16.17 5.87
N ASN B 40 11.71 -15.49 5.02
CA ASN B 40 12.45 -14.32 5.46
C ASN B 40 11.45 -13.22 5.84
N PHE B 41 10.44 -13.03 4.98
CA PHE B 41 9.39 -12.04 5.25
C PHE B 41 8.60 -12.42 6.52
N VAL B 42 8.17 -13.66 6.63
CA VAL B 42 7.33 -14.01 7.75
C VAL B 42 8.10 -13.80 9.05
N ALA B 43 9.37 -14.20 9.09
CA ALA B 43 10.19 -14.02 10.28
C ALA B 43 10.30 -12.54 10.66
N ARG B 44 10.47 -11.66 9.67
CA ARG B 44 10.48 -10.22 9.90
C ARG B 44 9.18 -9.71 10.49
N MET B 45 8.06 -10.33 10.09
CA MET B 45 6.75 -9.87 10.50
C MET B 45 6.41 -10.33 11.92
N ILE B 46 6.95 -11.45 12.39
CA ILE B 46 6.54 -12.02 13.69
C ILE B 46 6.57 -10.96 14.79
N PRO B 47 7.66 -10.22 15.04
CA PRO B 47 7.68 -9.24 16.13
C PRO B 47 6.80 -8.02 15.92
N LYS B 48 6.26 -7.85 14.71
CA LYS B 48 5.43 -6.71 14.38
C LYS B 48 3.94 -7.02 14.55
N VAL B 49 3.57 -8.28 14.69
CA VAL B 49 2.18 -8.63 14.86
C VAL B 49 1.74 -8.26 16.27
N GLU B 50 0.55 -7.66 16.30
CA GLU B 50 -0.16 -7.38 17.54
C GLU B 50 -0.92 -8.65 17.88
N TRP B 51 -0.44 -9.45 18.81
CA TRP B 51 -0.88 -10.82 18.92
C TRP B 51 -2.30 -10.93 19.47
N SER B 52 -2.71 -10.07 20.41
CA SER B 52 -4.07 -10.18 20.89
C SER B 52 -5.11 -9.91 19.79
N ALA B 53 -4.80 -8.94 18.92
CA ALA B 53 -5.74 -8.63 17.83
C ALA B 53 -5.77 -9.76 16.80
N PHE B 54 -4.62 -10.32 16.48
CA PHE B 54 -4.51 -11.48 15.59
C PHE B 54 -5.30 -12.65 16.16
N LEU B 55 -5.16 -12.97 17.45
CA LEU B 55 -5.86 -14.11 18.02
C LEU B 55 -7.38 -13.94 17.94
N GLU B 56 -7.88 -12.74 18.26
CA GLU B 56 -9.30 -12.44 18.23
C GLU B 56 -9.82 -12.65 16.82
N ALA B 57 -9.15 -12.06 15.82
CA ALA B 57 -9.57 -12.15 14.45
C ALA B 57 -9.56 -13.61 13.96
N ALA B 58 -8.46 -14.31 14.26
CA ALA B 58 -8.34 -15.72 13.86
C ALA B 58 -9.50 -16.54 14.48
N ASP B 59 -9.82 -16.28 15.75
CA ASP B 59 -10.90 -17.04 16.37
C ASP B 59 -12.23 -16.75 15.67
N ASN B 60 -12.43 -15.50 15.25
CA ASN B 60 -13.67 -15.14 14.58
C ASN B 60 -13.78 -15.78 13.19
N LEU B 61 -12.67 -16.16 12.58
CA LEU B 61 -12.66 -16.89 11.33
C LEU B 61 -12.64 -18.40 11.55
N ARG B 62 -12.82 -18.86 12.79
CA ARG B 62 -12.89 -20.29 13.12
C ARG B 62 -11.59 -20.99 12.75
N LEU B 63 -10.46 -20.29 12.87
CA LEU B 63 -9.15 -20.89 12.78
C LEU B 63 -8.85 -21.60 14.09
N ILE B 64 -7.97 -22.60 14.06
CA ILE B 64 -7.78 -23.51 15.19
C ILE B 64 -6.29 -23.75 15.41
N GLN B 65 -5.95 -24.15 16.64
CA GLN B 65 -4.59 -24.44 17.04
C GLN B 65 -3.68 -23.24 16.72
N VAL B 66 -4.20 -22.03 16.87
CA VAL B 66 -3.45 -20.84 16.49
C VAL B 66 -2.33 -20.61 17.50
N PRO B 67 -1.07 -20.45 17.07
CA PRO B 67 0.00 -20.17 18.01
C PRO B 67 -0.34 -18.98 18.90
N LYS B 68 -0.11 -19.11 20.23
CA LYS B 68 -0.59 -18.12 21.17
C LYS B 68 0.41 -16.95 21.33
N GLY B 69 1.55 -17.03 20.64
CA GLY B 69 2.58 -16.00 20.64
C GLY B 69 3.83 -16.48 19.91
N PRO B 70 4.91 -15.68 19.77
CA PRO B 70 6.17 -16.17 19.21
C PRO B 70 6.86 -17.32 19.93
N VAL B 71 7.23 -18.38 19.20
CA VAL B 71 7.79 -19.57 19.85
C VAL B 71 9.30 -19.39 20.02
N GLU B 72 9.82 -20.25 20.89
CA GLU B 72 11.25 -20.41 21.11
C GLU B 72 11.94 -20.71 19.77
N GLY B 73 12.96 -19.88 19.46
CA GLY B 73 13.79 -20.03 18.27
C GLY B 73 13.07 -19.80 16.94
N TYR B 74 12.07 -18.91 16.87
CA TYR B 74 11.12 -19.01 15.78
C TYR B 74 11.75 -18.76 14.41
N GLU B 75 12.86 -18.02 14.28
CA GLU B 75 13.46 -17.85 12.96
C GLU B 75 13.97 -19.18 12.39
N GLU B 76 14.27 -20.14 13.25
CA GLU B 76 14.77 -21.45 12.84
C GLU B 76 13.65 -22.49 12.85
N ASN B 77 12.41 -22.09 13.19
CA ASN B 77 11.30 -23.04 13.33
C ASN B 77 10.49 -22.97 12.03
N GLU B 78 10.80 -23.81 11.01
CA GLU B 78 10.16 -23.70 9.73
C GLU B 78 8.66 -24.01 9.87
N GLU B 79 8.29 -24.94 10.73
CA GLU B 79 6.89 -25.26 10.93
C GLU B 79 6.10 -24.05 11.43
N PHE B 80 6.60 -23.36 12.46
CA PHE B 80 5.94 -22.16 12.98
C PHE B 80 5.88 -21.09 11.89
N LEU B 81 6.93 -20.87 11.13
CA LEU B 81 6.88 -19.85 10.07
C LEU B 81 5.88 -20.25 8.99
N ARG B 82 5.83 -21.53 8.60
CA ARG B 82 4.86 -21.99 7.62
C ARG B 82 3.42 -21.81 8.13
N THR B 83 3.17 -22.17 9.40
CA THR B 83 1.86 -21.99 10.01
C THR B 83 1.45 -20.51 10.01
N MET B 84 2.33 -19.65 10.47
CA MET B 84 2.03 -18.23 10.51
C MET B 84 1.86 -17.66 9.12
N HIS B 85 2.64 -18.11 8.14
CA HIS B 85 2.43 -17.70 6.74
C HIS B 85 1.00 -17.98 6.33
N HIS B 86 0.53 -19.21 6.63
CA HIS B 86 -0.83 -19.55 6.21
C HIS B 86 -1.85 -18.64 6.89
N LEU B 87 -1.73 -18.50 8.22
CA LEU B 87 -2.77 -17.82 8.98
C LEU B 87 -2.75 -16.30 8.64
N LEU B 88 -1.57 -15.72 8.43
CA LEU B 88 -1.44 -14.29 8.15
C LEU B 88 -1.71 -13.89 6.72
N LEU B 89 -1.47 -14.78 5.74
CA LEU B 89 -1.45 -14.37 4.34
C LEU B 89 -2.40 -15.19 3.44
N GLU B 90 -2.80 -16.40 3.86
CA GLU B 90 -3.55 -17.28 2.95
C GLU B 90 -5.01 -17.42 3.32
N VAL B 91 -5.45 -16.85 4.44
CA VAL B 91 -6.86 -16.91 4.85
C VAL B 91 -7.43 -15.53 4.56
N GLU B 92 -8.25 -15.43 3.52
CA GLU B 92 -8.75 -14.14 3.04
C GLU B 92 -10.22 -13.99 3.40
N VAL B 93 -10.55 -12.88 4.05
CA VAL B 93 -11.91 -12.44 4.21
C VAL B 93 -12.37 -11.79 2.93
N ILE B 94 -13.42 -12.38 2.34
CA ILE B 94 -14.07 -11.85 1.14
C ILE B 94 -15.26 -10.96 1.44
N GLU B 95 -16.13 -11.41 2.35
CA GLU B 95 -17.32 -10.67 2.75
C GLU B 95 -17.29 -10.66 4.27
N GLY B 96 -17.44 -9.46 4.82
CA GLY B 96 -17.38 -9.30 6.26
C GLY B 96 -17.55 -7.86 6.69
N THR B 97 -17.15 -7.59 7.96
CA THR B 97 -17.19 -6.26 8.53
C THR B 97 -16.02 -6.06 9.49
N LEU B 98 -15.63 -4.78 9.60
CA LEU B 98 -14.70 -4.29 10.58
C LEU B 98 -15.46 -3.30 11.44
N GLN B 99 -15.48 -3.52 12.73
CA GLN B 99 -16.21 -2.63 13.62
C GLN B 99 -15.28 -1.71 14.40
N CYS B 100 -15.55 -0.39 14.26
CA CYS B 100 -14.75 0.62 14.91
C CYS B 100 -14.97 0.61 16.41
N PRO B 101 -13.95 0.47 17.26
CA PRO B 101 -14.18 0.41 18.70
C PRO B 101 -14.69 1.70 19.31
N GLU B 102 -14.33 2.86 18.75
CA GLU B 102 -14.73 4.14 19.35
C GLU B 102 -16.14 4.56 18.94
N SER B 103 -16.72 4.05 17.84
CA SER B 103 -18.05 4.44 17.41
C SER B 103 -19.06 3.32 17.43
N GLY B 104 -18.59 2.07 17.24
CA GLY B 104 -19.44 0.94 16.95
C GLY B 104 -19.88 0.82 15.50
N ARG B 105 -19.44 1.73 14.62
CA ARG B 105 -19.81 1.67 13.20
C ARG B 105 -19.15 0.46 12.51
N MET B 106 -19.93 -0.16 11.59
CA MET B 106 -19.47 -1.23 10.72
C MET B 106 -18.93 -0.68 9.42
N PHE B 107 -17.73 -1.13 9.09
CA PHE B 107 -17.10 -0.82 7.81
C PHE B 107 -17.08 -2.10 7.01
N PRO B 108 -17.74 -2.17 5.84
CA PRO B 108 -17.90 -3.45 5.12
C PRO B 108 -16.63 -3.87 4.40
N ILE B 109 -16.38 -5.19 4.42
CA ILE B 109 -15.45 -5.83 3.50
C ILE B 109 -16.26 -6.51 2.41
N SER B 110 -16.00 -6.17 1.14
CA SER B 110 -16.72 -6.79 0.04
C SER B 110 -15.73 -7.09 -1.07
N ARG B 111 -15.85 -8.28 -1.69
CA ARG B 111 -14.90 -8.73 -2.69
C ARG B 111 -13.47 -8.66 -2.17
N GLY B 112 -13.32 -8.91 -0.86
CA GLY B 112 -12.01 -8.88 -0.25
C GLY B 112 -11.48 -7.50 0.16
N ILE B 113 -12.22 -6.41 -0.11
CA ILE B 113 -11.74 -5.05 0.08
C ILE B 113 -12.50 -4.41 1.21
N PRO B 114 -11.79 -3.96 2.25
CA PRO B 114 -12.44 -3.14 3.29
C PRO B 114 -12.70 -1.74 2.76
N ASN B 115 -13.90 -1.21 2.99
CA ASN B 115 -14.26 0.17 2.64
C ASN B 115 -14.30 0.95 3.96
N MET B 116 -13.27 1.74 4.16
CA MET B 116 -13.07 2.51 5.39
C MET B 116 -13.64 3.94 5.30
N LEU B 117 -14.38 4.28 4.24
CA LEU B 117 -14.94 5.64 4.16
C LEU B 117 -16.12 5.83 5.13
N LEU B 118 -16.36 7.08 5.54
CA LEU B 118 -17.56 7.45 6.30
C LEU B 118 -18.63 7.91 5.32
N SER B 119 -19.10 6.96 4.50
CA SER B 119 -20.18 7.19 3.56
C SER B 119 -21.41 7.82 4.26
#